data_4Z0B
#
_entry.id   4Z0B
#
_cell.length_a   62.828
_cell.length_b   53.528
_cell.length_c   129.103
_cell.angle_alpha   90.000
_cell.angle_beta   98.390
_cell.angle_gamma   90.000
#
_symmetry.space_group_name_H-M   'C 1 2 1'
#
loop_
_entity.id
_entity.type
_entity.pdbx_description
1 polymer 'antibody heavy chain'
2 polymer 'antibody light  chain'
3 non-polymer 'PHOSPHATE ION'
#
loop_
_entity_poly.entity_id
_entity_poly.type
_entity_poly.pdbx_seq_one_letter_code
_entity_poly.pdbx_strand_id
1 'polypeptide(L)'
;QVQLVESGGGLVKPGGSKKLSCAASGFTFSSYAMEWVRQTPEKRLEWVAYISTGGGSTYYADSVKGRFTISRDNAKNTLY
LQMTSLRSEDTAMYYCARHNYYGGRIYSMDYWGQGTSVTTSSAKTSPPSVYPLAPVCGTTGSSVTLGCLVKGYFPEPVTV
TWNSGSLSSGVHTFPAVLQSDLYDLSSSVTVSSSTWPSQSITCNVAHPASSTKVDKKIEPPA
;
H
2 'polypeptide(L)'
;ELTQSPAIMSAPPGEKATMTCSASSSVSEMHWYQQKSGTSPKGLIYDTSKLASGVPARFSGSGSGTDYSLTISSVEAEDA
ATYYCQQGSENTETFGGGTKLDIKRAHAAPTVSIFPPSSEQLTSGGASVVCFLNNFYPKDVNVKWKIDGSERQNGVLNSW
TDQDSKDSTYSMSSTLTLTKDEYERHNSSTCEATHKTSTSPIVSSFNAREVT
;
L
#
loop_
_chem_comp.id
_chem_comp.type
_chem_comp.name
_chem_comp.formula
PO4 non-polymer 'PHOSPHATE ION' 'O4 P -3'
#
# COMPACT_ATOMS: atom_id res chain seq x y z
N GLN A 1 24.41 -11.79 0.24
CA GLN A 1 22.92 -11.71 0.40
C GLN A 1 22.20 -12.51 -0.68
N VAL A 2 20.95 -12.88 -0.39
CA VAL A 2 20.06 -13.50 -1.37
C VAL A 2 19.15 -12.41 -1.92
N GLN A 3 18.84 -12.51 -3.22
CA GLN A 3 17.99 -11.52 -3.88
C GLN A 3 17.08 -12.15 -4.93
N LEU A 4 15.83 -11.68 -4.98
CA LEU A 4 14.86 -12.09 -5.98
C LEU A 4 14.23 -10.84 -6.58
N VAL A 5 14.18 -10.77 -7.92
CA VAL A 5 13.69 -9.59 -8.61
C VAL A 5 12.68 -9.97 -9.70
N GLU A 6 11.43 -9.58 -9.51
CA GLU A 6 10.37 -9.86 -10.48
C GLU A 6 10.40 -8.82 -11.60
N SER A 7 10.05 -9.24 -12.81
CA SER A 7 10.10 -8.37 -13.98
C SER A 7 9.04 -8.73 -15.01
N GLY A 8 8.91 -7.88 -16.03
CA GLY A 8 8.02 -8.14 -17.17
C GLY A 8 6.54 -7.97 -16.89
N GLY A 9 6.19 -7.21 -15.84
CA GLY A 9 4.80 -6.96 -15.48
C GLY A 9 4.29 -5.65 -16.07
N GLY A 10 2.98 -5.41 -15.95
CA GLY A 10 2.37 -4.19 -16.44
C GLY A 10 0.87 -4.29 -16.66
N LEU A 11 0.39 -3.70 -17.76
CA LEU A 11 -1.02 -3.75 -18.11
C LEU A 11 -1.27 -4.82 -19.18
N VAL A 12 -2.39 -5.52 -19.03
CA VAL A 12 -2.84 -6.51 -20.00
C VAL A 12 -4.36 -6.34 -20.15
N LYS A 13 -4.90 -6.76 -21.29
CA LYS A 13 -6.36 -6.73 -21.49
C LYS A 13 -6.93 -8.13 -21.26
N PRO A 14 -8.22 -8.22 -20.84
CA PRO A 14 -8.79 -9.52 -20.51
C PRO A 14 -8.80 -10.48 -21.69
N GLY A 15 -8.18 -11.64 -21.50
CA GLY A 15 -7.97 -12.60 -22.59
C GLY A 15 -6.72 -12.27 -23.36
N GLY A 16 -5.62 -12.07 -22.63
CA GLY A 16 -4.32 -11.76 -23.23
C GLY A 16 -3.20 -12.45 -22.48
N SER A 17 -2.00 -12.46 -23.05
CA SER A 17 -0.86 -13.18 -22.48
C SER A 17 0.24 -12.24 -21.98
N LYS A 18 0.89 -12.62 -20.89
CA LYS A 18 1.94 -11.81 -20.28
C LYS A 18 2.93 -12.73 -19.55
N LYS A 19 4.20 -12.59 -19.86
CA LYS A 19 5.25 -13.46 -19.31
C LYS A 19 6.07 -12.73 -18.25
N LEU A 20 6.09 -13.27 -17.04
CA LEU A 20 6.88 -12.69 -15.94
C LEU A 20 8.17 -13.48 -15.74
N SER A 21 9.13 -12.85 -15.08
CA SER A 21 10.42 -13.48 -14.78
C SER A 21 10.90 -13.07 -13.39
N CYS A 22 11.65 -13.95 -12.74
CA CYS A 22 12.19 -13.68 -11.41
C CYS A 22 13.70 -13.96 -11.39
N ALA A 23 14.50 -12.89 -11.43
CA ALA A 23 15.95 -13.00 -11.46
C ALA A 23 16.48 -13.38 -10.08
N ALA A 24 17.14 -14.54 -10.01
CA ALA A 24 17.65 -15.07 -8.75
C ALA A 24 19.17 -14.90 -8.62
N SER A 25 19.63 -14.63 -7.41
CA SER A 25 21.05 -14.47 -7.13
C SER A 25 21.35 -14.65 -5.65
N GLY A 26 22.61 -14.96 -5.33
CA GLY A 26 23.05 -15.13 -3.96
C GLY A 26 22.98 -16.56 -3.45
N PHE A 27 22.60 -17.48 -4.31
CA PHE A 27 22.49 -18.89 -3.94
C PHE A 27 22.46 -19.80 -5.16
N THR A 28 22.70 -21.09 -4.95
CA THR A 28 22.68 -22.07 -6.04
C THR A 28 21.24 -22.32 -6.49
N PHE A 29 20.77 -21.48 -7.41
CA PHE A 29 19.40 -21.52 -7.93
C PHE A 29 18.93 -22.94 -8.27
N SER A 30 19.82 -23.77 -8.80
CA SER A 30 19.48 -25.15 -9.19
C SER A 30 19.24 -26.09 -8.00
N SER A 31 19.53 -25.65 -6.78
CA SER A 31 19.31 -26.46 -5.58
C SER A 31 18.12 -25.98 -4.74
N TYR A 32 17.18 -25.25 -5.38
CA TYR A 32 16.03 -24.70 -4.68
C TYR A 32 14.76 -24.72 -5.54
N ALA A 33 13.63 -25.00 -4.89
CA ALA A 33 12.33 -25.06 -5.56
C ALA A 33 11.61 -23.72 -5.39
N MET A 34 11.29 -23.06 -6.50
CA MET A 34 10.74 -21.70 -6.45
C MET A 34 9.22 -21.68 -6.40
N GLU A 35 8.69 -20.52 -5.99
CA GLU A 35 7.25 -20.32 -5.80
C GLU A 35 6.83 -18.99 -6.42
N TRP A 36 5.63 -18.94 -6.97
CA TRP A 36 4.98 -17.68 -7.33
C TRP A 36 3.79 -17.47 -6.40
N VAL A 37 3.70 -16.29 -5.82
CA VAL A 37 2.58 -15.92 -4.95
C VAL A 37 2.08 -14.55 -5.38
N ARG A 38 0.78 -14.43 -5.63
CA ARG A 38 0.19 -13.15 -6.00
C ARG A 38 -0.64 -12.58 -4.86
N GLN A 39 -0.81 -11.26 -4.86
CA GLN A 39 -1.59 -10.57 -3.85
C GLN A 39 -2.55 -9.58 -4.50
N THR A 40 -3.80 -9.58 -4.05
CA THR A 40 -4.84 -8.73 -4.62
C THR A 40 -4.74 -7.30 -4.06
N PRO A 41 -5.54 -6.36 -4.61
CA PRO A 41 -5.73 -5.07 -3.95
C PRO A 41 -6.38 -5.19 -2.56
N GLU A 42 -7.20 -6.23 -2.38
CA GLU A 42 -7.79 -6.55 -1.08
C GLU A 42 -6.76 -7.14 -0.12
N LYS A 43 -5.60 -7.53 -0.68
CA LYS A 43 -4.48 -8.09 0.08
C LYS A 43 -4.82 -9.45 0.69
N ARG A 44 -5.14 -10.38 -0.19
CA ARG A 44 -5.32 -11.79 0.17
C ARG A 44 -4.21 -12.58 -0.51
N LEU A 45 -3.22 -13.02 0.28
CA LEU A 45 -2.10 -13.79 -0.26
C LEU A 45 -2.60 -15.13 -0.79
N GLU A 46 -2.23 -15.42 -2.03
CA GLU A 46 -2.72 -16.61 -2.74
C GLU A 46 -1.60 -17.26 -3.52
N TRP A 47 -1.22 -18.47 -3.12
CA TRP A 47 -0.23 -19.26 -3.86
C TRP A 47 -0.82 -19.65 -5.21
N VAL A 48 -0.03 -19.48 -6.27
CA VAL A 48 -0.48 -19.76 -7.64
C VAL A 48 0.25 -20.94 -8.29
N ALA A 49 1.57 -21.05 -8.09
CA ALA A 49 2.37 -22.06 -8.78
C ALA A 49 3.61 -22.48 -8.00
N TYR A 50 4.09 -23.68 -8.30
CA TYR A 50 5.30 -24.24 -7.70
C TYR A 50 6.09 -25.00 -8.76
N ILE A 51 7.42 -25.01 -8.61
CA ILE A 51 8.30 -25.83 -9.45
C ILE A 51 9.44 -26.38 -8.60
N SER A 52 9.78 -27.64 -8.83
CA SER A 52 10.76 -28.35 -8.00
C SER A 52 12.18 -27.83 -8.21
N THR A 53 13.09 -28.39 -7.42
CA THR A 53 14.52 -28.07 -7.48
C THR A 53 15.08 -27.97 -8.90
N GLY A 54 14.58 -28.81 -9.82
CA GLY A 54 15.01 -28.80 -11.22
C GLY A 54 13.93 -29.18 -12.21
N GLY A 55 12.72 -28.67 -12.00
CA GLY A 55 11.61 -28.87 -12.93
C GLY A 55 11.03 -30.28 -13.00
N GLY A 56 11.28 -31.08 -11.98
CA GLY A 56 10.79 -32.46 -11.94
C GLY A 56 9.31 -32.59 -11.58
N SER A 57 8.79 -31.65 -10.79
CA SER A 57 7.40 -31.67 -10.36
C SER A 57 6.86 -30.24 -10.20
N THR A 58 5.62 -30.01 -10.64
CA THR A 58 5.01 -28.68 -10.57
C THR A 58 3.54 -28.78 -10.15
N TYR A 59 3.10 -27.86 -9.28
CA TYR A 59 1.72 -27.78 -8.83
C TYR A 59 1.11 -26.43 -9.18
N TYR A 60 -0.21 -26.33 -9.11
CA TYR A 60 -0.94 -25.09 -9.36
C TYR A 60 -2.14 -24.97 -8.43
N ALA A 61 -2.75 -23.79 -8.41
CA ALA A 61 -3.97 -23.54 -7.64
C ALA A 61 -5.19 -23.60 -8.55
N ASP A 62 -6.36 -23.86 -7.94
CA ASP A 62 -7.62 -23.99 -8.68
C ASP A 62 -7.89 -22.78 -9.56
N SER A 63 -7.57 -21.60 -9.04
CA SER A 63 -7.73 -20.36 -9.78
C SER A 63 -7.00 -20.35 -11.12
N VAL A 64 -5.75 -20.83 -11.11
CA VAL A 64 -4.85 -20.65 -12.24
C VAL A 64 -4.52 -21.93 -13.03
N LYS A 65 -5.30 -22.99 -12.84
CA LYS A 65 -5.07 -24.25 -13.56
C LYS A 65 -5.21 -24.05 -15.07
N GLY A 66 -4.32 -24.68 -15.84
CA GLY A 66 -4.43 -24.70 -17.29
C GLY A 66 -4.01 -23.41 -17.98
N ARG A 67 -4.44 -22.27 -17.43
CA ARG A 67 -4.13 -20.95 -18.01
C ARG A 67 -2.68 -20.56 -17.72
N PHE A 68 -2.23 -20.78 -16.50
CA PHE A 68 -0.87 -20.42 -16.10
C PHE A 68 0.10 -21.56 -16.37
N THR A 69 1.35 -21.20 -16.67
CA THR A 69 2.42 -22.17 -16.93
C THR A 69 3.72 -21.70 -16.29
N ILE A 70 4.12 -22.36 -15.20
CA ILE A 70 5.37 -22.06 -14.52
C ILE A 70 6.53 -22.82 -15.15
N SER A 71 7.67 -22.14 -15.28
CA SER A 71 8.89 -22.76 -15.79
C SER A 71 10.10 -22.04 -15.22
N ARG A 72 11.27 -22.66 -15.34
CA ARG A 72 12.51 -22.09 -14.81
C ARG A 72 13.67 -22.28 -15.78
N ASP A 73 14.76 -21.57 -15.51
CA ASP A 73 15.97 -21.64 -16.31
C ASP A 73 17.18 -21.64 -15.38
N ASN A 74 17.63 -22.83 -15.02
CA ASN A 74 18.72 -23.01 -14.06
C ASN A 74 20.09 -22.58 -14.58
N ALA A 75 20.28 -22.61 -15.89
CA ALA A 75 21.51 -22.12 -16.50
C ALA A 75 21.67 -20.60 -16.28
N LYS A 76 20.59 -19.86 -16.51
CA LYS A 76 20.59 -18.41 -16.38
C LYS A 76 20.16 -17.92 -14.99
N ASN A 77 19.85 -18.85 -14.09
CA ASN A 77 19.30 -18.51 -12.78
C ASN A 77 18.08 -17.61 -12.91
N THR A 78 17.07 -18.09 -13.63
CA THR A 78 15.89 -17.31 -13.97
C THR A 78 14.62 -18.16 -13.90
N LEU A 79 13.71 -17.76 -13.01
CA LEU A 79 12.38 -18.37 -12.91
C LEU A 79 11.45 -17.67 -13.92
N TYR A 80 10.36 -18.33 -14.28
CA TYR A 80 9.38 -17.78 -15.22
C TYR A 80 7.93 -18.06 -14.79
N LEU A 81 7.02 -17.27 -15.35
CA LEU A 81 5.58 -17.54 -15.26
C LEU A 81 4.89 -17.01 -16.50
N GLN A 82 4.24 -17.90 -17.24
CA GLN A 82 3.47 -17.53 -18.43
C GLN A 82 1.98 -17.53 -18.08
N MET A 83 1.29 -16.48 -18.53
CA MET A 83 -0.15 -16.34 -18.30
C MET A 83 -0.87 -16.29 -19.65
N THR A 84 -2.03 -16.93 -19.74
CA THR A 84 -2.69 -17.19 -21.02
C THR A 84 -4.03 -16.45 -21.19
N SER A 85 -5.00 -16.79 -20.35
CA SER A 85 -6.35 -16.22 -20.44
C SER A 85 -6.65 -15.39 -19.19
N LEU A 86 -6.07 -14.19 -19.15
CA LEU A 86 -6.15 -13.33 -17.98
C LEU A 86 -7.53 -12.71 -17.79
N ARG A 87 -7.99 -12.70 -16.54
CA ARG A 87 -9.25 -12.06 -16.16
C ARG A 87 -8.99 -10.84 -15.28
N SER A 88 -10.06 -10.10 -14.96
CA SER A 88 -9.98 -8.94 -14.08
C SER A 88 -9.48 -9.32 -12.68
N GLU A 89 -9.90 -10.49 -12.21
CA GLU A 89 -9.51 -11.00 -10.88
C GLU A 89 -8.06 -11.49 -10.80
N ASP A 90 -7.39 -11.64 -11.95
CA ASP A 90 -5.96 -11.95 -11.98
C ASP A 90 -5.08 -10.72 -11.74
N THR A 91 -5.68 -9.52 -11.75
CA THR A 91 -4.99 -8.30 -11.37
C THR A 91 -4.45 -8.43 -9.96
N ALA A 92 -3.13 -8.35 -9.81
CA ALA A 92 -2.48 -8.58 -8.53
C ALA A 92 -1.03 -8.14 -8.52
N MET A 93 -0.45 -8.08 -7.31
CA MET A 93 0.97 -7.85 -7.12
C MET A 93 1.67 -9.21 -7.04
N TYR A 94 2.36 -9.57 -8.12
CA TYR A 94 2.93 -10.93 -8.26
C TYR A 94 4.32 -11.05 -7.63
N TYR A 95 4.38 -11.75 -6.49
CA TYR A 95 5.64 -12.00 -5.78
C TYR A 95 6.26 -13.34 -6.18
N CYS A 96 7.58 -13.41 -6.06
CA CYS A 96 8.36 -14.60 -6.35
C CYS A 96 9.09 -14.99 -5.08
N ALA A 97 9.05 -16.28 -4.73
CA ALA A 97 9.59 -16.74 -3.46
C ALA A 97 10.35 -18.07 -3.58
N ARG A 98 11.36 -18.24 -2.74
CA ARG A 98 12.09 -19.50 -2.62
C ARG A 98 11.27 -20.44 -1.72
N HIS A 99 11.63 -21.72 -1.67
CA HIS A 99 10.99 -22.67 -0.76
C HIS A 99 12.03 -23.62 -0.16
N ASN A 100 12.75 -23.15 0.86
CA ASN A 100 13.75 -23.98 1.54
C ASN A 100 14.18 -23.54 2.94
N TYR A 101 13.61 -24.22 3.92
CA TYR A 101 14.25 -24.47 5.20
C TYR A 101 14.33 -25.99 5.21
N TYR A 102 15.40 -26.57 5.73
CA TYR A 102 15.63 -28.01 5.56
C TYR A 102 16.39 -28.59 6.76
N GLY A 103 15.63 -29.02 7.76
CA GLY A 103 16.20 -29.60 8.97
C GLY A 103 15.19 -29.86 10.08
N GLY A 104 15.15 -28.97 11.06
CA GLY A 104 14.34 -29.14 12.27
C GLY A 104 12.84 -29.28 12.05
N ARG A 105 12.28 -28.48 11.14
CA ARG A 105 10.84 -28.49 10.87
C ARG A 105 10.54 -29.03 9.46
N ILE A 106 11.15 -28.40 8.45
CA ILE A 106 10.93 -28.73 7.04
C ILE A 106 10.85 -27.45 6.20
N TYR A 107 10.40 -27.56 4.96
CA TYR A 107 10.47 -26.46 3.99
C TYR A 107 9.62 -25.23 4.31
N SER A 108 9.97 -24.10 3.71
CA SER A 108 9.34 -22.81 3.99
C SER A 108 9.77 -21.75 2.97
N MET A 109 8.88 -20.81 2.67
CA MET A 109 9.18 -19.72 1.74
C MET A 109 10.00 -18.64 2.44
N ASP A 110 11.30 -18.90 2.58
CA ASP A 110 12.17 -18.05 3.42
C ASP A 110 12.53 -16.70 2.81
N TYR A 111 12.69 -16.64 1.49
CA TYR A 111 13.05 -15.38 0.82
C TYR A 111 12.06 -14.99 -0.28
N TRP A 112 11.75 -13.70 -0.33
CA TRP A 112 10.76 -13.15 -1.26
C TRP A 112 11.36 -12.01 -2.08
N GLY A 113 10.73 -11.72 -3.21
CA GLY A 113 11.15 -10.60 -4.06
C GLY A 113 10.47 -9.30 -3.66
N GLN A 114 10.50 -8.32 -4.55
CA GLN A 114 9.89 -7.01 -4.31
C GLN A 114 8.56 -6.82 -5.05
N GLY A 115 8.06 -7.90 -5.65
CA GLY A 115 6.80 -7.86 -6.38
C GLY A 115 6.87 -7.16 -7.73
N THR A 116 5.84 -7.36 -8.54
CA THR A 116 5.68 -6.65 -9.81
C THR A 116 4.20 -6.56 -10.16
N SER A 117 3.77 -5.35 -10.54
CA SER A 117 2.35 -5.09 -10.78
C SER A 117 1.87 -5.66 -12.10
N VAL A 118 0.81 -6.45 -12.04
CA VAL A 118 0.12 -6.96 -13.23
C VAL A 118 -1.35 -6.55 -13.14
N THR A 119 -1.83 -5.87 -14.18
CA THR A 119 -3.19 -5.35 -14.21
C THR A 119 -3.91 -5.85 -15.46
N THR A 120 -5.17 -6.26 -15.30
CA THR A 120 -5.98 -6.77 -16.40
C THR A 120 -7.18 -5.86 -16.65
N SER A 121 -7.10 -5.08 -17.74
CA SER A 121 -8.18 -4.17 -18.14
C SER A 121 -8.02 -3.73 -19.59
N SER A 122 -9.14 -3.46 -20.25
CA SER A 122 -9.14 -2.98 -21.63
C SER A 122 -9.17 -1.45 -21.72
N ALA A 123 -8.77 -0.78 -20.64
CA ALA A 123 -8.78 0.68 -20.58
C ALA A 123 -7.46 1.26 -21.11
N LYS A 124 -7.42 2.59 -21.25
CA LYS A 124 -6.28 3.29 -21.82
C LYS A 124 -5.19 3.53 -20.78
N THR A 125 -3.93 3.42 -21.19
CA THR A 125 -2.79 3.76 -20.35
C THR A 125 -2.61 5.28 -20.35
N SER A 126 -2.89 5.91 -19.21
CA SER A 126 -2.84 7.37 -19.09
C SER A 126 -1.76 7.81 -18.11
N PRO A 127 -0.97 8.85 -18.49
CA PRO A 127 0.08 9.35 -17.60
C PRO A 127 -0.48 10.25 -16.50
N PRO A 128 0.34 10.54 -15.47
CA PRO A 128 -0.13 11.33 -14.33
C PRO A 128 0.02 12.83 -14.52
N SER A 129 -0.91 13.59 -13.93
CA SER A 129 -0.83 15.05 -13.89
C SER A 129 -0.39 15.47 -12.49
N VAL A 130 0.86 15.93 -12.38
CA VAL A 130 1.42 16.33 -11.09
C VAL A 130 1.14 17.82 -10.82
N TYR A 131 0.33 18.08 -9.78
CA TYR A 131 0.01 19.44 -9.36
C TYR A 131 0.56 19.69 -7.95
N PRO A 132 1.24 20.83 -7.75
CA PRO A 132 1.81 21.15 -6.44
C PRO A 132 0.76 21.73 -5.48
N LEU A 133 0.75 21.24 -4.24
CA LEU A 133 -0.19 21.73 -3.23
C LEU A 133 0.53 22.62 -2.21
N ALA A 134 0.57 23.91 -2.49
CA ALA A 134 1.10 24.91 -1.55
C ALA A 134 -0.08 25.52 -0.78
N PRO A 135 0.14 25.85 0.50
CA PRO A 135 -0.95 26.41 1.30
C PRO A 135 -1.25 27.87 0.93
N VAL A 136 -2.39 28.37 1.38
CA VAL A 136 -2.86 29.70 1.00
C VAL A 136 -2.23 30.84 1.81
N CYS A 137 -1.36 30.51 2.77
CA CYS A 137 -0.73 31.53 3.61
C CYS A 137 0.74 31.23 3.88
N GLY A 138 1.44 32.24 4.38
CA GLY A 138 2.80 32.10 4.87
C GLY A 138 2.87 32.35 6.38
N THR A 139 1.78 32.00 7.07
CA THR A 139 1.68 32.20 8.53
C THR A 139 2.63 31.28 9.29
N THR A 140 2.92 31.64 10.54
CA THR A 140 3.86 30.92 11.36
C THR A 140 3.19 29.75 12.10
N GLY A 141 3.77 28.56 11.94
CA GLY A 141 3.42 27.40 12.75
C GLY A 141 4.70 26.75 13.25
N SER A 142 4.56 25.69 14.04
CA SER A 142 5.72 24.93 14.49
C SER A 142 6.37 24.26 13.28
N SER A 143 5.56 23.55 12.51
CA SER A 143 5.99 22.98 11.24
C SER A 143 4.93 23.27 10.17
N VAL A 144 5.37 23.38 8.92
CA VAL A 144 4.47 23.62 7.79
C VAL A 144 4.30 22.36 6.96
N THR A 145 3.07 22.12 6.50
CA THR A 145 2.76 20.94 5.69
C THR A 145 2.48 21.35 4.25
N LEU A 146 3.06 20.59 3.32
CA LEU A 146 2.85 20.80 1.89
C LEU A 146 2.33 19.49 1.30
N GLY A 147 2.16 19.44 -0.02
CA GLY A 147 1.67 18.23 -0.68
C GLY A 147 1.94 18.18 -2.17
N CYS A 148 1.48 17.09 -2.78
CA CYS A 148 1.67 16.87 -4.21
C CYS A 148 0.54 15.98 -4.73
N LEU A 149 -0.25 16.51 -5.67
CA LEU A 149 -1.42 15.81 -6.18
C LEU A 149 -1.08 15.08 -7.49
N VAL A 150 -1.01 13.75 -7.42
CA VAL A 150 -0.83 12.92 -8.60
C VAL A 150 -2.22 12.60 -9.18
N LYS A 151 -2.65 13.45 -10.10
CA LYS A 151 -4.03 13.43 -10.61
C LYS A 151 -4.15 12.66 -11.92
N GLY A 152 -5.20 11.84 -12.02
CA GLY A 152 -5.62 11.22 -13.27
C GLY A 152 -4.57 10.41 -14.02
N TYR A 153 -4.27 9.22 -13.48
CA TYR A 153 -3.34 8.31 -14.13
C TYR A 153 -3.90 6.89 -14.17
N PHE A 154 -3.29 6.05 -15.01
CA PHE A 154 -3.65 4.64 -15.11
C PHE A 154 -2.58 3.90 -15.91
N PRO A 155 -2.15 2.71 -15.44
CA PRO A 155 -2.55 2.00 -14.23
C PRO A 155 -1.63 2.29 -13.05
N GLU A 156 -1.81 1.53 -11.97
CA GLU A 156 -0.84 1.51 -10.88
C GLU A 156 0.44 0.82 -11.35
N PRO A 157 1.58 1.06 -10.67
CA PRO A 157 1.79 1.93 -9.52
C PRO A 157 2.38 3.27 -9.93
N VAL A 158 2.52 4.18 -8.95
CA VAL A 158 3.26 5.43 -9.13
C VAL A 158 4.19 5.63 -7.94
N THR A 159 5.43 5.99 -8.23
CA THR A 159 6.46 6.13 -7.20
C THR A 159 6.62 7.61 -6.84
N VAL A 160 6.36 7.94 -5.58
CA VAL A 160 6.46 9.32 -5.10
C VAL A 160 7.53 9.42 -4.01
N THR A 161 8.50 10.31 -4.23
CA THR A 161 9.52 10.62 -3.24
C THR A 161 9.69 12.13 -3.13
N TRP A 162 10.34 12.57 -2.07
CA TRP A 162 10.56 13.99 -1.82
C TRP A 162 12.04 14.32 -1.79
N ASN A 163 12.46 15.27 -2.62
CA ASN A 163 13.87 15.66 -2.75
C ASN A 163 14.77 14.46 -3.01
N SER A 164 14.42 13.68 -4.03
CA SER A 164 15.15 12.47 -4.42
C SER A 164 15.32 11.48 -3.27
N GLY A 165 14.28 11.35 -2.44
CA GLY A 165 14.29 10.41 -1.32
C GLY A 165 15.01 10.87 -0.07
N SER A 166 15.63 12.05 -0.10
CA SER A 166 16.34 12.57 1.07
C SER A 166 15.37 12.95 2.18
N LEU A 167 14.18 13.41 1.80
CA LEU A 167 13.12 13.72 2.75
C LEU A 167 12.20 12.52 2.86
N SER A 168 12.10 11.95 4.07
CA SER A 168 11.39 10.68 4.28
C SER A 168 10.49 10.69 5.51
N SER A 169 11.06 11.03 6.67
CA SER A 169 10.27 11.08 7.92
C SER A 169 9.30 12.24 7.90
N GLY A 170 8.08 12.00 8.38
CA GLY A 170 7.01 12.99 8.33
C GLY A 170 6.36 13.12 6.97
N VAL A 171 6.43 12.05 6.18
CA VAL A 171 5.82 11.99 4.85
C VAL A 171 4.67 10.98 4.87
N HIS A 172 3.60 11.30 4.16
CA HIS A 172 2.44 10.41 4.07
C HIS A 172 1.95 10.29 2.63
N THR A 173 2.37 9.22 1.95
CA THR A 173 1.89 8.89 0.62
C THR A 173 0.67 7.99 0.77
N PHE A 174 -0.49 8.48 0.32
CA PHE A 174 -1.75 7.80 0.57
C PHE A 174 -2.07 6.78 -0.53
N PRO A 175 -2.93 5.80 -0.22
CA PRO A 175 -3.36 4.84 -1.25
C PRO A 175 -4.13 5.51 -2.38
N ALA A 176 -3.99 4.96 -3.59
CA ALA A 176 -4.68 5.50 -4.76
C ALA A 176 -6.16 5.15 -4.71
N VAL A 177 -6.98 5.98 -5.35
CA VAL A 177 -8.43 5.75 -5.42
C VAL A 177 -8.90 5.82 -6.87
N LEU A 178 -9.31 4.66 -7.39
CA LEU A 178 -9.73 4.53 -8.77
C LEU A 178 -11.15 5.06 -8.96
N GLN A 179 -11.34 5.89 -9.98
CA GLN A 179 -12.65 6.41 -10.36
C GLN A 179 -12.72 6.63 -11.87
N SER A 180 -13.63 5.90 -12.52
CA SER A 180 -13.86 6.04 -13.96
C SER A 180 -12.60 5.78 -14.78
N ASP A 181 -12.00 4.61 -14.58
CA ASP A 181 -10.79 4.16 -15.30
C ASP A 181 -9.57 5.06 -15.05
N LEU A 182 -9.55 5.78 -13.93
CA LEU A 182 -8.47 6.71 -13.62
C LEU A 182 -8.17 6.76 -12.12
N TYR A 183 -6.90 6.53 -11.78
CA TYR A 183 -6.44 6.58 -10.39
C TYR A 183 -6.06 8.01 -9.99
N ASP A 184 -6.18 8.31 -8.71
CA ASP A 184 -5.77 9.60 -8.15
C ASP A 184 -5.08 9.38 -6.80
N LEU A 185 -3.88 9.95 -6.65
CA LEU A 185 -3.07 9.80 -5.45
C LEU A 185 -2.53 11.18 -5.03
N SER A 186 -2.29 11.35 -3.75
CA SER A 186 -1.82 12.64 -3.23
C SER A 186 -0.95 12.49 -1.99
N SER A 187 0.37 12.60 -2.17
CA SER A 187 1.32 12.51 -1.06
C SER A 187 1.46 13.86 -0.35
N SER A 188 1.79 13.81 0.94
CA SER A 188 1.99 15.02 1.75
C SER A 188 3.32 14.93 2.48
N VAL A 189 3.89 16.10 2.79
CA VAL A 189 5.14 16.18 3.54
C VAL A 189 5.12 17.34 4.54
N THR A 190 5.50 17.06 5.78
CA THR A 190 5.58 18.07 6.82
C THR A 190 7.04 18.46 7.03
N VAL A 191 7.29 19.77 7.10
CA VAL A 191 8.63 20.30 7.30
C VAL A 191 8.60 21.46 8.28
N SER A 192 9.74 21.75 8.89
CA SER A 192 9.86 22.87 9.83
C SER A 192 9.57 24.20 9.13
N SER A 193 8.96 25.12 9.87
CA SER A 193 8.49 26.39 9.31
C SER A 193 9.63 27.28 8.78
N SER A 194 10.80 27.21 9.41
CA SER A 194 11.95 28.00 8.98
C SER A 194 12.58 27.50 7.68
N THR A 195 12.31 26.23 7.33
CA THR A 195 12.86 25.64 6.11
C THR A 195 12.18 26.20 4.86
N TRP A 196 10.87 26.11 4.82
CA TRP A 196 10.07 26.55 3.66
C TRP A 196 9.33 27.84 4.04
N PRO A 197 9.25 28.82 3.11
CA PRO A 197 9.65 28.86 1.71
C PRO A 197 11.12 29.22 1.42
N SER A 198 11.94 29.38 2.46
CA SER A 198 13.34 29.78 2.27
C SER A 198 14.17 28.70 1.55
N GLN A 199 13.77 27.44 1.67
CA GLN A 199 14.46 26.33 1.03
C GLN A 199 13.51 25.57 0.09
N SER A 200 14.07 24.97 -0.96
CA SER A 200 13.28 24.34 -2.02
C SER A 200 12.77 22.94 -1.62
N ILE A 201 11.57 22.62 -2.09
CA ILE A 201 10.96 21.29 -1.92
C ILE A 201 10.37 20.83 -3.26
N THR A 202 10.56 19.56 -3.58
CA THR A 202 10.12 19.00 -4.85
C THR A 202 9.70 17.54 -4.73
N CYS A 203 8.44 17.26 -5.06
CA CYS A 203 7.93 15.88 -5.12
C CYS A 203 8.35 15.25 -6.45
N ASN A 204 8.83 14.01 -6.39
CA ASN A 204 9.34 13.30 -7.55
C ASN A 204 8.42 12.15 -7.93
N VAL A 205 7.65 12.34 -8.99
CA VAL A 205 6.69 11.33 -9.44
C VAL A 205 7.25 10.52 -10.60
N ALA A 206 6.90 9.24 -10.64
CA ALA A 206 7.34 8.33 -11.70
C ALA A 206 6.25 7.29 -12.00
N HIS A 207 5.79 7.27 -13.24
CA HIS A 207 4.77 6.32 -13.69
C HIS A 207 5.39 5.40 -14.75
N PRO A 208 5.71 4.14 -14.37
CA PRO A 208 6.43 3.19 -15.22
C PRO A 208 5.88 3.03 -16.65
N ALA A 209 4.56 2.86 -16.77
CA ALA A 209 3.94 2.56 -18.06
C ALA A 209 4.13 3.66 -19.10
N SER A 210 3.91 4.90 -18.68
CA SER A 210 4.10 6.07 -19.56
C SER A 210 5.56 6.52 -19.64
N SER A 211 6.38 6.03 -18.70
CA SER A 211 7.80 6.41 -18.61
C SER A 211 7.96 7.91 -18.38
N THR A 212 7.13 8.44 -17.47
CA THR A 212 7.08 9.87 -17.20
C THR A 212 7.70 10.20 -15.84
N LYS A 213 9.00 10.50 -15.86
CA LYS A 213 9.71 10.92 -14.66
C LYS A 213 9.54 12.43 -14.48
N VAL A 214 8.66 12.81 -13.55
CA VAL A 214 8.32 14.21 -13.32
C VAL A 214 8.83 14.69 -11.96
N ASP A 215 9.20 15.96 -11.90
CA ASP A 215 9.68 16.58 -10.67
C ASP A 215 9.12 18.00 -10.55
N LYS A 216 8.05 18.14 -9.77
CA LYS A 216 7.35 19.43 -9.63
C LYS A 216 7.70 20.13 -8.32
N LYS A 217 8.32 21.31 -8.44
CA LYS A 217 8.74 22.09 -7.27
C LYS A 217 7.55 22.78 -6.62
N ILE A 218 7.54 22.79 -5.29
CA ILE A 218 6.45 23.41 -4.51
C ILE A 218 6.83 24.84 -4.14
N GLU A 219 6.13 25.81 -4.72
CA GLU A 219 6.35 27.22 -4.43
C GLU A 219 5.06 27.86 -3.90
N PRO A 220 5.18 28.91 -3.07
CA PRO A 220 3.99 29.58 -2.57
C PRO A 220 3.37 30.46 -3.64
N PRO A 221 2.06 30.75 -3.53
CA PRO A 221 1.41 31.61 -4.53
C PRO A 221 1.55 33.12 -4.23
N ALA A 222 2.58 33.50 -3.47
CA ALA A 222 2.79 34.88 -3.01
C ALA A 222 1.60 35.36 -2.19
N GLU B 1 -9.96 -26.28 4.43
CA GLU B 1 -9.83 -24.80 4.62
C GLU B 1 -8.95 -24.46 5.82
N LEU B 2 -8.12 -23.43 5.66
CA LEU B 2 -7.23 -22.95 6.71
C LEU B 2 -7.75 -21.60 7.20
N THR B 3 -8.20 -21.56 8.46
CA THR B 3 -8.91 -20.39 9.00
C THR B 3 -8.17 -19.75 10.17
N GLN B 4 -8.27 -18.42 10.25
CA GLN B 4 -7.66 -17.63 11.32
C GLN B 4 -8.69 -17.39 12.43
N SER B 5 -8.20 -17.09 13.65
CA SER B 5 -9.09 -16.86 14.78
C SER B 5 -9.71 -15.45 14.77
N PRO B 6 -8.88 -14.38 14.73
CA PRO B 6 -9.44 -13.06 14.50
C PRO B 6 -9.14 -12.56 13.08
N ALA B 7 -10.13 -11.94 12.45
CA ALA B 7 -9.91 -11.23 11.18
C ALA B 7 -9.10 -9.97 11.44
N ILE B 8 -9.43 -9.29 12.54
CA ILE B 8 -8.71 -8.10 12.98
C ILE B 8 -8.56 -8.13 14.50
N MET B 9 -7.43 -7.62 15.00
CA MET B 9 -7.15 -7.66 16.44
C MET B 9 -6.35 -6.44 16.89
N SER B 10 -6.59 -6.00 18.13
CA SER B 10 -5.91 -4.85 18.71
C SER B 10 -5.27 -5.20 20.04
N ALA B 11 -4.13 -4.58 20.34
CA ALA B 11 -3.42 -4.80 21.60
C ALA B 11 -2.41 -3.67 21.84
N PRO B 12 -2.32 -3.17 23.09
CA PRO B 12 -1.43 -2.04 23.37
C PRO B 12 0.03 -2.47 23.51
N PRO B 13 0.97 -1.53 23.33
CA PRO B 13 2.40 -1.86 23.41
C PRO B 13 2.80 -2.35 24.80
N GLY B 14 3.61 -3.40 24.84
CA GLY B 14 4.01 -4.03 26.11
C GLY B 14 3.19 -5.27 26.43
N GLU B 15 1.87 -5.16 26.26
CA GLU B 15 0.96 -6.28 26.55
C GLU B 15 1.10 -7.43 25.56
N LYS B 16 0.63 -8.60 25.97
CA LYS B 16 0.71 -9.81 25.17
C LYS B 16 -0.36 -9.81 24.07
N ALA B 17 -0.10 -10.59 23.02
CA ALA B 17 -1.04 -10.74 21.92
C ALA B 17 -0.91 -12.13 21.31
N THR B 18 -2.04 -12.80 21.09
CA THR B 18 -2.06 -14.17 20.57
C THR B 18 -3.10 -14.32 19.48
N MET B 19 -2.72 -15.04 18.41
CA MET B 19 -3.64 -15.35 17.31
C MET B 19 -3.38 -16.77 16.83
N THR B 20 -4.46 -17.49 16.52
CA THR B 20 -4.37 -18.91 16.16
C THR B 20 -4.74 -19.14 14.70
N CYS B 21 -4.24 -20.26 14.17
CA CYS B 21 -4.55 -20.70 12.80
C CYS B 21 -5.00 -22.16 12.88
N SER B 22 -6.20 -22.43 12.39
CA SER B 22 -6.80 -23.77 12.48
C SER B 22 -7.08 -24.33 11.08
N ALA B 23 -6.53 -25.51 10.81
CA ALA B 23 -6.69 -26.18 9.52
C ALA B 23 -7.82 -27.19 9.54
N SER B 24 -8.10 -27.79 8.39
CA SER B 24 -9.04 -28.91 8.28
C SER B 24 -8.31 -30.21 7.98
N SER B 25 -7.05 -30.31 8.45
CA SER B 25 -6.22 -31.49 8.25
C SER B 25 -5.02 -31.42 9.19
N SER B 26 -4.65 -32.56 9.77
CA SER B 26 -3.55 -32.61 10.74
C SER B 26 -2.19 -32.44 10.07
N VAL B 27 -1.31 -31.68 10.72
CA VAL B 27 0.04 -31.41 10.21
C VAL B 27 1.07 -31.41 11.34
N SER B 28 2.33 -31.67 11.00
CA SER B 28 3.41 -31.76 11.99
C SER B 28 3.98 -30.40 12.38
N GLU B 29 3.68 -29.36 11.60
CA GLU B 29 4.21 -28.01 11.85
C GLU B 29 3.32 -26.93 11.21
N MET B 30 3.69 -25.67 11.43
CA MET B 30 2.95 -24.52 10.89
C MET B 30 3.89 -23.34 10.66
N HIS B 31 3.60 -22.54 9.64
CA HIS B 31 4.40 -21.37 9.28
C HIS B 31 3.66 -20.06 9.53
N TRP B 32 4.44 -18.98 9.61
CA TRP B 32 3.88 -17.65 9.85
C TRP B 32 4.65 -16.59 9.04
N TYR B 33 3.93 -15.64 8.47
CA TYR B 33 4.52 -14.54 7.70
C TYR B 33 3.97 -13.21 8.17
N GLN B 34 4.79 -12.17 8.04
CA GLN B 34 4.41 -10.81 8.44
C GLN B 34 4.65 -9.85 7.29
N GLN B 35 3.57 -9.33 6.72
CA GLN B 35 3.65 -8.29 5.70
C GLN B 35 3.27 -6.94 6.32
N LYS B 36 4.20 -5.99 6.27
CA LYS B 36 3.97 -4.64 6.79
C LYS B 36 3.38 -3.76 5.68
N SER B 37 3.20 -2.48 6.00
CA SER B 37 2.55 -1.50 5.10
C SER B 37 2.83 -1.71 3.60
N GLY B 38 3.96 -1.20 3.12
CA GLY B 38 4.28 -1.22 1.69
C GLY B 38 5.16 -2.37 1.26
N THR B 39 5.81 -3.03 2.23
CA THR B 39 6.78 -4.09 1.92
C THR B 39 6.11 -5.43 1.62
N SER B 40 6.92 -6.38 1.15
CA SER B 40 6.47 -7.74 0.87
C SER B 40 6.47 -8.58 2.16
N PRO B 41 5.91 -9.80 2.11
CA PRO B 41 5.89 -10.65 3.31
C PRO B 41 7.27 -11.19 3.70
N LYS B 42 7.53 -11.26 5.00
CA LYS B 42 8.82 -11.74 5.52
C LYS B 42 8.63 -13.05 6.26
N GLY B 43 9.55 -13.99 6.05
CA GLY B 43 9.55 -15.26 6.78
C GLY B 43 9.87 -15.00 8.25
N LEU B 44 9.00 -15.49 9.14
CA LEU B 44 9.06 -15.13 10.55
C LEU B 44 9.34 -16.33 11.46
N ILE B 45 8.44 -17.31 11.47
CA ILE B 45 8.56 -18.49 12.32
C ILE B 45 8.42 -19.76 11.47
N PRO B 56 13.25 -11.16 16.38
CA PRO B 56 13.61 -10.86 17.78
C PRO B 56 13.02 -11.88 18.77
N ALA B 57 13.27 -11.66 20.05
CA ALA B 57 12.83 -12.59 21.11
C ALA B 57 11.35 -12.46 21.46
N ARG B 58 10.63 -11.58 20.77
CA ARG B 58 9.20 -11.37 21.00
C ARG B 58 8.35 -12.52 20.43
N PHE B 59 8.77 -13.07 19.30
CA PHE B 59 7.97 -14.04 18.54
C PHE B 59 8.27 -15.48 18.94
N SER B 60 7.22 -16.30 19.01
CA SER B 60 7.34 -17.72 19.33
C SER B 60 6.09 -18.48 18.92
N GLY B 61 6.25 -19.78 18.64
CA GLY B 61 5.16 -20.62 18.16
C GLY B 61 4.71 -21.66 19.17
N SER B 62 3.39 -21.88 19.22
CA SER B 62 2.81 -22.89 20.12
C SER B 62 1.57 -23.51 19.46
N GLY B 63 1.56 -24.83 19.34
CA GLY B 63 0.46 -25.54 18.70
C GLY B 63 0.52 -27.04 18.94
N SER B 64 -0.65 -27.66 19.09
CA SER B 64 -0.75 -29.09 19.36
C SER B 64 -1.63 -29.78 18.32
N GLY B 65 -1.00 -30.53 17.43
CA GLY B 65 -1.70 -31.30 16.41
C GLY B 65 -2.21 -30.46 15.26
N THR B 66 -3.46 -30.02 15.35
CA THR B 66 -4.11 -29.25 14.29
C THR B 66 -4.08 -27.74 14.56
N ASP B 67 -4.43 -27.35 15.78
CA ASP B 67 -4.50 -25.94 16.15
C ASP B 67 -3.12 -25.40 16.50
N TYR B 68 -2.67 -24.41 15.73
CA TYR B 68 -1.42 -23.69 16.00
C TYR B 68 -1.71 -22.23 16.30
N SER B 69 -0.78 -21.56 16.96
CA SER B 69 -0.96 -20.15 17.33
C SER B 69 0.36 -19.42 17.48
N LEU B 70 0.37 -18.15 17.04
CA LEU B 70 1.53 -17.28 17.14
C LEU B 70 1.41 -16.42 18.40
N THR B 71 2.51 -16.31 19.15
CA THR B 71 2.54 -15.55 20.39
C THR B 71 3.49 -14.36 20.25
N ILE B 72 3.03 -13.19 20.73
CA ILE B 72 3.84 -11.98 20.72
C ILE B 72 3.77 -11.32 22.10
N SER B 73 4.80 -11.54 22.91
CA SER B 73 4.94 -10.88 24.20
C SER B 73 5.83 -9.65 24.04
N SER B 74 5.53 -8.61 24.81
CA SER B 74 6.23 -7.31 24.70
C SER B 74 6.05 -6.70 23.31
N VAL B 75 4.80 -6.63 22.85
CA VAL B 75 4.49 -6.09 21.53
C VAL B 75 4.90 -4.62 21.41
N GLU B 76 5.32 -4.21 20.21
CA GLU B 76 5.82 -2.87 19.96
C GLU B 76 5.19 -2.30 18.69
N ALA B 77 5.37 -1.00 18.48
CA ALA B 77 4.80 -0.29 17.33
C ALA B 77 5.14 -0.95 15.99
N GLU B 78 6.37 -1.47 15.88
CA GLU B 78 6.82 -2.16 14.66
C GLU B 78 5.96 -3.36 14.25
N ASP B 79 5.40 -4.05 15.24
CA ASP B 79 4.64 -5.27 15.00
C ASP B 79 3.25 -5.03 14.38
N ALA B 80 2.85 -3.77 14.25
CA ALA B 80 1.62 -3.43 13.54
C ALA B 80 1.72 -3.87 12.09
N ALA B 81 1.18 -5.06 11.81
CA ALA B 81 1.26 -5.65 10.47
C ALA B 81 0.17 -6.70 10.26
N THR B 82 0.00 -7.14 9.02
CA THR B 82 -0.95 -8.20 8.69
C THR B 82 -0.21 -9.54 8.65
N TYR B 83 -0.76 -10.55 9.34
CA TYR B 83 -0.10 -11.83 9.51
C TYR B 83 -0.84 -12.97 8.80
N TYR B 84 -0.08 -13.83 8.13
CA TYR B 84 -0.63 -14.95 7.36
C TYR B 84 -0.01 -16.26 7.79
N CYS B 85 -0.83 -17.30 7.92
CA CYS B 85 -0.37 -18.64 8.28
C CYS B 85 -0.47 -19.58 7.08
N GLN B 86 0.59 -20.38 6.87
CA GLN B 86 0.54 -21.49 5.92
C GLN B 86 0.99 -22.76 6.63
N GLN B 87 0.75 -23.90 5.98
CA GLN B 87 0.77 -25.20 6.66
C GLN B 87 2.13 -25.90 6.56
N GLY B 88 2.31 -26.91 7.41
CA GLY B 88 3.61 -27.55 7.61
C GLY B 88 3.91 -28.73 6.71
N SER B 89 3.59 -29.93 7.18
CA SER B 89 3.96 -31.16 6.48
C SER B 89 3.20 -31.30 5.17
N GLU B 90 1.88 -31.37 5.26
CA GLU B 90 1.02 -31.62 4.10
C GLU B 90 0.57 -30.31 3.48
N ASN B 91 1.47 -29.66 2.74
CA ASN B 91 1.20 -28.34 2.17
C ASN B 91 1.24 -28.28 0.64
N THR B 92 0.07 -28.41 0.02
CA THR B 92 -0.18 -27.71 -1.23
C THR B 92 -0.25 -26.27 -0.74
N GLU B 93 0.70 -25.45 -1.18
CA GLU B 93 1.18 -24.31 -0.38
C GLU B 93 0.20 -23.14 -0.25
N THR B 94 -1.04 -23.45 0.10
CA THR B 94 -2.10 -22.46 0.29
C THR B 94 -1.81 -21.61 1.54
N PHE B 95 -2.30 -20.37 1.54
CA PHE B 95 -2.18 -19.48 2.70
C PHE B 95 -3.49 -19.37 3.47
N GLY B 96 -3.40 -18.88 4.70
CA GLY B 96 -4.58 -18.70 5.55
C GLY B 96 -5.38 -17.45 5.21
N GLY B 97 -6.43 -17.20 5.99
CA GLY B 97 -7.31 -16.04 5.76
C GLY B 97 -6.64 -14.72 6.07
N GLY B 98 -5.85 -14.69 7.13
CA GLY B 98 -5.04 -13.51 7.48
C GLY B 98 -5.64 -12.69 8.62
N THR B 99 -4.77 -12.22 9.51
CA THR B 99 -5.18 -11.40 10.65
C THR B 99 -4.50 -10.03 10.57
N LYS B 100 -5.29 -8.96 10.66
CA LYS B 100 -4.76 -7.60 10.69
C LYS B 100 -4.57 -7.16 12.15
N LEU B 101 -3.32 -7.04 12.57
CA LEU B 101 -2.99 -6.62 13.93
C LEU B 101 -2.68 -5.12 13.97
N ASP B 102 -3.62 -4.32 14.47
CA ASP B 102 -3.35 -2.92 14.78
C ASP B 102 -2.98 -2.80 16.25
N ILE B 103 -2.55 -1.62 16.66
CA ILE B 103 -2.06 -1.39 18.02
C ILE B 103 -2.84 -0.27 18.71
N LYS B 104 -3.23 -0.51 19.96
CA LYS B 104 -3.92 0.48 20.76
C LYS B 104 -2.99 1.64 21.10
N ARG B 105 -3.56 2.83 21.23
CA ARG B 105 -2.80 4.04 21.49
C ARG B 105 -3.71 5.11 22.11
N ALA B 106 -3.11 6.06 22.81
CA ALA B 106 -3.84 7.23 23.29
C ALA B 106 -4.39 8.02 22.11
N HIS B 107 -5.56 8.62 22.29
CA HIS B 107 -6.24 9.33 21.19
C HIS B 107 -5.49 10.58 20.79
N ALA B 108 -5.19 10.70 19.49
CA ALA B 108 -4.46 11.84 18.95
C ALA B 108 -5.38 12.70 18.08
N ALA B 109 -5.28 14.02 18.26
CA ALA B 109 -6.04 14.97 17.45
C ALA B 109 -5.39 15.10 16.07
N PRO B 110 -6.21 15.08 15.00
CA PRO B 110 -5.66 15.14 13.65
C PRO B 110 -5.16 16.55 13.28
N THR B 111 -4.05 16.61 12.55
CA THR B 111 -3.51 17.86 12.05
C THR B 111 -4.15 18.16 10.70
N VAL B 112 -5.05 19.14 10.67
CA VAL B 112 -5.78 19.47 9.45
C VAL B 112 -5.01 20.49 8.61
N SER B 113 -5.04 20.32 7.29
CA SER B 113 -4.37 21.22 6.37
C SER B 113 -5.10 21.23 5.03
N ILE B 114 -5.62 22.40 4.63
CA ILE B 114 -6.38 22.55 3.39
C ILE B 114 -5.55 23.28 2.33
N PHE B 115 -5.73 22.88 1.07
CA PHE B 115 -4.92 23.39 -0.04
C PHE B 115 -5.79 23.77 -1.24
N PRO B 116 -5.65 25.03 -1.72
CA PRO B 116 -6.34 25.42 -2.95
C PRO B 116 -5.77 24.72 -4.20
N PRO B 117 -6.55 24.68 -5.29
CA PRO B 117 -6.07 24.07 -6.54
C PRO B 117 -5.01 24.95 -7.22
N SER B 118 -3.95 24.30 -7.72
CA SER B 118 -2.82 25.02 -8.30
C SER B 118 -3.17 25.69 -9.63
N SER B 119 -2.27 26.58 -10.08
CA SER B 119 -2.42 27.27 -11.35
C SER B 119 -2.41 26.29 -12.52
N GLU B 120 -1.56 25.27 -12.43
CA GLU B 120 -1.42 24.26 -13.48
C GLU B 120 -2.74 23.54 -13.73
N GLN B 121 -3.43 23.17 -12.65
CA GLN B 121 -4.71 22.48 -12.75
C GLN B 121 -5.82 23.41 -13.24
N LEU B 122 -5.83 24.65 -12.73
CA LEU B 122 -6.83 25.64 -13.12
C LEU B 122 -6.78 25.98 -14.60
N THR B 123 -5.58 25.95 -15.19
CA THR B 123 -5.40 26.20 -16.63
C THR B 123 -5.56 24.92 -17.47
N SER B 124 -6.20 23.89 -16.91
CA SER B 124 -6.53 22.67 -17.64
C SER B 124 -7.98 22.25 -17.39
N GLY B 125 -8.83 23.21 -17.01
CA GLY B 125 -10.25 22.93 -16.77
C GLY B 125 -10.59 22.59 -15.33
N GLY B 126 -9.91 21.60 -14.77
CA GLY B 126 -10.24 21.08 -13.44
C GLY B 126 -9.80 21.96 -12.28
N ALA B 127 -10.17 21.54 -11.07
CA ALA B 127 -9.82 22.25 -9.83
C ALA B 127 -10.08 21.37 -8.62
N SER B 128 -9.02 20.83 -8.04
CA SER B 128 -9.12 19.90 -6.90
C SER B 128 -8.64 20.56 -5.61
N VAL B 129 -9.45 20.41 -4.55
CA VAL B 129 -9.15 21.01 -3.24
C VAL B 129 -8.88 19.90 -2.23
N VAL B 130 -7.62 19.79 -1.80
CA VAL B 130 -7.18 18.71 -0.91
C VAL B 130 -7.20 19.16 0.54
N CYS B 131 -7.56 18.24 1.44
CA CYS B 131 -7.57 18.49 2.87
C CYS B 131 -6.93 17.33 3.62
N PHE B 132 -5.67 17.49 4.02
CA PHE B 132 -4.92 16.45 4.73
C PHE B 132 -5.27 16.44 6.23
N LEU B 133 -5.50 15.24 6.76
CA LEU B 133 -5.72 15.04 8.19
C LEU B 133 -4.75 13.98 8.68
N ASN B 134 -3.56 14.39 9.12
CA ASN B 134 -2.48 13.47 9.43
C ASN B 134 -2.34 13.15 10.92
N ASN B 135 -1.92 11.93 11.22
CA ASN B 135 -1.54 11.51 12.56
C ASN B 135 -2.64 11.65 13.61
N PHE B 136 -3.56 10.67 13.63
CA PHE B 136 -4.65 10.65 14.60
C PHE B 136 -4.99 9.22 15.04
N TYR B 137 -5.83 9.11 16.06
CA TYR B 137 -6.29 7.83 16.57
C TYR B 137 -7.63 7.99 17.30
N PRO B 138 -8.58 7.05 17.12
CA PRO B 138 -8.54 5.86 16.26
C PRO B 138 -8.83 6.19 14.79
N LYS B 139 -8.91 5.15 13.96
CA LYS B 139 -9.15 5.31 12.52
C LYS B 139 -10.40 6.13 12.20
N ASP B 140 -11.43 6.02 13.04
CA ASP B 140 -12.70 6.69 12.81
C ASP B 140 -12.53 8.21 12.68
N VAL B 141 -13.06 8.77 11.59
CA VAL B 141 -13.01 10.21 11.35
C VAL B 141 -14.05 10.61 10.30
N ASN B 142 -14.98 11.48 10.70
CA ASN B 142 -15.98 12.02 9.79
C ASN B 142 -15.51 13.37 9.25
N VAL B 143 -15.77 13.61 7.96
CA VAL B 143 -15.40 14.86 7.31
C VAL B 143 -16.48 15.28 6.35
N LYS B 144 -17.00 16.49 6.54
CA LYS B 144 -18.00 17.07 5.67
C LYS B 144 -17.42 18.29 4.98
N TRP B 145 -17.22 18.20 3.66
CA TRP B 145 -16.78 19.35 2.87
C TRP B 145 -17.89 20.38 2.83
N LYS B 146 -17.53 21.65 3.02
CA LYS B 146 -18.48 22.75 2.97
C LYS B 146 -18.04 23.78 1.95
N ILE B 147 -19.00 24.56 1.46
CA ILE B 147 -18.71 25.65 0.54
C ILE B 147 -19.82 26.71 0.64
N ASP B 148 -19.45 27.88 1.19
CA ASP B 148 -20.41 28.93 1.56
C ASP B 148 -21.43 28.44 2.60
N GLY B 149 -20.98 27.60 3.52
CA GLY B 149 -21.81 27.09 4.61
C GLY B 149 -22.76 25.96 4.25
N SER B 150 -22.58 25.38 3.06
CA SER B 150 -23.43 24.29 2.59
C SER B 150 -22.65 22.97 2.55
N GLU B 151 -23.09 22.00 3.36
CA GLU B 151 -22.42 20.70 3.44
C GLU B 151 -22.51 19.92 2.12
N ARG B 152 -21.36 19.71 1.49
CA ARG B 152 -21.25 18.95 0.25
C ARG B 152 -21.25 17.45 0.57
N GLN B 153 -21.91 16.67 -0.28
CA GLN B 153 -22.03 15.22 -0.07
C GLN B 153 -21.23 14.44 -1.13
N ASN B 154 -21.50 14.72 -2.40
CA ASN B 154 -20.81 14.06 -3.51
C ASN B 154 -19.75 14.97 -4.13
N GLY B 155 -18.85 14.37 -4.91
CA GLY B 155 -17.71 15.08 -5.49
C GLY B 155 -16.50 15.05 -4.57
N VAL B 156 -16.38 13.95 -3.81
CA VAL B 156 -15.36 13.81 -2.77
C VAL B 156 -14.76 12.40 -2.84
N LEU B 157 -13.43 12.32 -2.87
CA LEU B 157 -12.73 11.04 -2.96
C LEU B 157 -11.69 10.93 -1.85
N ASN B 158 -12.00 10.14 -0.84
CA ASN B 158 -11.14 10.00 0.34
C ASN B 158 -10.22 8.77 0.25
N SER B 159 -9.13 8.82 1.01
CA SER B 159 -8.17 7.72 1.07
C SER B 159 -7.45 7.73 2.42
N TRP B 160 -7.55 6.62 3.15
CA TRP B 160 -6.98 6.52 4.48
C TRP B 160 -5.68 5.72 4.44
N THR B 161 -4.71 6.13 5.27
CA THR B 161 -3.50 5.36 5.48
C THR B 161 -3.79 4.29 6.52
N ASP B 162 -2.93 3.26 6.59
CA ASP B 162 -3.03 2.25 7.65
C ASP B 162 -1.99 2.52 8.74
N GLN B 163 -2.11 1.82 9.87
CA GLN B 163 -1.22 2.00 11.02
C GLN B 163 0.22 2.32 10.64
N ASP B 164 0.76 3.41 11.18
CA ASP B 164 2.15 3.77 10.97
C ASP B 164 3.04 2.82 11.77
N SER B 165 4.16 2.41 11.17
CA SER B 165 5.03 1.39 11.77
C SER B 165 5.74 1.85 13.04
N LYS B 166 5.90 3.16 13.22
CA LYS B 166 6.53 3.70 14.43
C LYS B 166 5.67 4.70 15.21
N ASP B 167 4.87 5.49 14.49
CA ASP B 167 3.98 6.45 15.13
C ASP B 167 2.72 5.78 15.68
N SER B 168 2.28 4.70 15.02
CA SER B 168 1.02 4.01 15.33
C SER B 168 -0.20 4.92 15.23
N THR B 169 -0.21 5.76 14.19
CA THR B 169 -1.30 6.71 13.96
C THR B 169 -1.77 6.66 12.51
N TYR B 170 -3.08 6.81 12.33
CA TYR B 170 -3.69 6.83 11.00
C TYR B 170 -3.71 8.25 10.43
N SER B 171 -3.86 8.33 9.11
CA SER B 171 -3.97 9.61 8.41
C SER B 171 -5.03 9.52 7.31
N MET B 172 -5.39 10.67 6.74
CA MET B 172 -6.38 10.71 5.66
C MET B 172 -6.19 11.93 4.76
N SER B 173 -6.55 11.76 3.48
CA SER B 173 -6.52 12.84 2.51
C SER B 173 -7.84 12.88 1.73
N SER B 174 -8.66 13.89 1.99
CA SER B 174 -9.93 14.10 1.28
C SER B 174 -9.75 15.16 0.21
N THR B 175 -10.20 14.85 -1.01
CA THR B 175 -10.00 15.72 -2.16
C THR B 175 -11.31 16.04 -2.87
N LEU B 176 -11.77 17.28 -2.72
CA LEU B 176 -12.96 17.75 -3.42
C LEU B 176 -12.58 18.14 -4.84
N THR B 177 -13.27 17.57 -5.82
CA THR B 177 -12.92 17.73 -7.23
C THR B 177 -14.04 18.45 -8.00
N LEU B 178 -13.70 19.59 -8.60
CA LEU B 178 -14.65 20.36 -9.42
C LEU B 178 -13.93 21.04 -10.60
N THR B 179 -14.70 21.63 -11.50
CA THR B 179 -14.15 22.36 -12.64
C THR B 179 -13.84 23.81 -12.28
N LYS B 180 -13.08 24.48 -13.14
CA LYS B 180 -12.71 25.88 -12.93
C LYS B 180 -13.94 26.80 -12.96
N ASP B 181 -14.95 26.42 -13.74
CA ASP B 181 -16.18 27.20 -13.88
C ASP B 181 -17.04 27.11 -12.61
N GLU B 182 -17.21 25.88 -12.10
CA GLU B 182 -18.03 25.64 -10.92
C GLU B 182 -17.33 26.11 -9.63
N TYR B 183 -16.03 26.38 -9.72
CA TYR B 183 -15.24 26.93 -8.61
C TYR B 183 -15.46 28.44 -8.42
N GLU B 184 -16.09 29.09 -9.40
CA GLU B 184 -16.31 30.55 -9.35
C GLU B 184 -17.65 30.92 -8.69
N ARG B 185 -18.65 30.05 -8.84
CA ARG B 185 -19.97 30.27 -8.23
C ARG B 185 -19.85 30.52 -6.73
N HIS B 186 -19.03 29.70 -6.08
CA HIS B 186 -18.84 29.76 -4.64
C HIS B 186 -17.38 30.15 -4.35
N ASN B 187 -17.20 31.01 -3.35
CA ASN B 187 -15.87 31.53 -3.00
C ASN B 187 -15.24 30.85 -1.79
N SER B 188 -16.04 30.67 -0.74
CA SER B 188 -15.52 30.20 0.56
C SER B 188 -15.55 28.68 0.70
N SER B 189 -14.40 28.05 0.48
CA SER B 189 -14.27 26.58 0.60
C SER B 189 -13.81 26.20 2.01
N THR B 190 -14.42 25.16 2.57
CA THR B 190 -14.20 24.79 3.98
C THR B 190 -14.09 23.27 4.15
N CYS B 191 -13.21 22.85 5.07
CA CYS B 191 -13.00 21.43 5.38
C CYS B 191 -13.16 21.19 6.88
N GLU B 192 -14.29 20.59 7.27
CA GLU B 192 -14.57 20.26 8.67
C GLU B 192 -14.24 18.80 8.96
N ALA B 193 -13.94 18.50 10.23
CA ALA B 193 -13.53 17.14 10.63
C ALA B 193 -13.93 16.82 12.06
N THR B 194 -14.63 15.70 12.24
CA THR B 194 -15.08 15.23 13.56
C THR B 194 -14.18 14.11 14.07
N HIS B 195 -13.95 14.08 15.38
CA HIS B 195 -13.06 13.09 15.99
C HIS B 195 -13.36 12.93 17.48
N LYS B 196 -12.92 11.81 18.06
CA LYS B 196 -13.16 11.50 19.46
C LYS B 196 -12.51 12.49 20.43
N THR B 197 -11.34 13.01 20.05
CA THR B 197 -10.53 13.85 20.94
C THR B 197 -11.26 15.12 21.38
N SER B 198 -11.89 15.80 20.43
CA SER B 198 -12.66 17.01 20.72
C SER B 198 -14.03 16.92 20.09
N THR B 199 -15.07 17.12 20.90
CA THR B 199 -16.45 17.16 20.41
C THR B 199 -16.63 18.35 19.46
N SER B 200 -15.98 19.46 19.78
CA SER B 200 -15.85 20.58 18.85
C SER B 200 -14.93 20.13 17.71
N PRO B 201 -15.44 20.14 16.46
CA PRO B 201 -14.70 19.56 15.34
C PRO B 201 -13.53 20.41 14.85
N ILE B 202 -12.51 19.76 14.29
CA ILE B 202 -11.36 20.45 13.71
C ILE B 202 -11.74 21.00 12.34
N VAL B 203 -11.43 22.27 12.10
CA VAL B 203 -11.87 22.97 10.89
C VAL B 203 -10.76 23.85 10.31
N SER B 204 -10.49 23.66 9.02
CA SER B 204 -9.58 24.53 8.26
C SER B 204 -10.28 24.95 6.97
N SER B 205 -10.23 26.24 6.65
CA SER B 205 -10.93 26.78 5.49
C SER B 205 -10.14 27.91 4.83
N PHE B 206 -10.49 28.20 3.58
CA PHE B 206 -9.92 29.32 2.84
C PHE B 206 -10.95 29.89 1.88
N ASN B 207 -10.75 31.15 1.49
CA ASN B 207 -11.67 31.83 0.60
C ASN B 207 -10.99 32.29 -0.68
N ALA B 208 -11.54 31.87 -1.82
CA ALA B 208 -11.12 32.40 -3.12
C ALA B 208 -11.74 33.78 -3.31
N ARG B 209 -11.48 34.40 -4.47
CA ARG B 209 -11.77 35.83 -4.68
C ARG B 209 -10.94 36.68 -3.72
N GLU B 210 -9.86 36.08 -3.19
CA GLU B 210 -9.02 36.68 -2.17
C GLU B 210 -7.57 36.29 -2.46
N VAL B 211 -7.26 36.15 -3.75
CA VAL B 211 -6.05 35.44 -4.20
C VAL B 211 -4.75 35.96 -3.60
N THR B 212 -3.80 35.04 -3.42
CA THR B 212 -2.49 35.33 -2.87
C THR B 212 -1.59 36.00 -3.90
P PO4 C . 13.93 -32.29 -8.61
O1 PO4 C . 14.32 -33.76 -8.62
O2 PO4 C . 12.63 -32.12 -9.36
O3 PO4 C . 15.01 -31.49 -9.29
O4 PO4 C . 13.74 -31.84 -7.18
#